data_4WPZ
#
_entry.id   4WPZ
#
_cell.length_a   114.877
_cell.length_b   114.877
_cell.length_c   79.049
_cell.angle_alpha   90.000
_cell.angle_beta   90.000
_cell.angle_gamma   90.000
#
_symmetry.space_group_name_H-M   'P 43 21 2'
#
loop_
_entity.id
_entity.type
_entity.pdbx_description
1 polymer 'Cytochrome P450'
2 non-polymer 'POTASSIUM ION'
3 non-polymer 'PROTOPORPHYRIN IX CONTAINING FE'
4 water water
#
_entity_poly.entity_id   1
_entity_poly.type   'polypeptide(L)'
_entity_poly.pdbx_seq_one_letter_code
;PIAFPFPDPPSV(CSD)ELPPELAEIRDGQSVVEVKFPDGISGWMVTKHADVRKVLVDSRFSSKVMATAAAAMSETETGK
LMNESLVGMDAPEHTRLRKLVTKAFTARRVETLRPRITELVGQLLDELETLPRPVDLVKNFSVPLPVRVICELLGVPAGD
QDTFHAWSNALLGDWQQVVEKEAATVSLVNYFGELIAVKRENPADDLISELIAISDGDSTLTEREIIALSIGILSAGHET
TANQISMFLVTLLHNPEELDKLRDNREAIPKAVDELLRFVPLTTTGGIIPRLTTAEVELSGGQVLPAGAVVLPAVATANR
DPEVFEDGERLNVTRENNPHLAFGAGIHHCLGAQLARIELQEALGAILDRMPQVRLAVPESELRLKSASIIRGLESLPIT
W
;
_entity_poly.pdbx_strand_id   A
#
loop_
_chem_comp.id
_chem_comp.type
_chem_comp.name
_chem_comp.formula
HEM non-polymer 'PROTOPORPHYRIN IX CONTAINING FE' 'C34 H32 Fe N4 O4'
K non-polymer 'POTASSIUM ION' 'K 1'
#
# COMPACT_ATOMS: atom_id res chain seq x y z
N PRO A 1 16.61 -14.43 -20.82
CA PRO A 1 15.87 -13.69 -19.75
C PRO A 1 16.58 -12.43 -19.30
N ILE A 2 15.83 -11.36 -19.06
CA ILE A 2 16.44 -10.18 -18.52
C ILE A 2 16.42 -10.19 -17.01
N ALA A 3 17.36 -9.48 -16.37
CA ALA A 3 17.46 -9.50 -14.90
C ALA A 3 16.36 -8.63 -14.32
N PHE A 4 15.74 -9.13 -13.27
CA PHE A 4 14.73 -8.42 -12.55
C PHE A 4 15.17 -8.56 -11.13
N PRO A 5 15.08 -7.52 -10.30
CA PRO A 5 14.58 -6.19 -10.54
C PRO A 5 15.44 -5.38 -11.52
N PHE A 6 14.87 -4.43 -12.24
CA PHE A 6 15.65 -3.60 -13.13
C PHE A 6 16.52 -2.64 -12.30
N PRO A 7 17.49 -1.95 -12.91
CA PRO A 7 18.24 -0.90 -12.19
C PRO A 7 17.32 0.18 -11.63
N ASP A 8 17.67 0.79 -10.51
CA ASP A 8 16.87 1.94 -10.02
C ASP A 8 17.33 3.13 -10.81
N PRO A 9 16.41 3.87 -11.39
CA PRO A 9 16.73 5.13 -12.07
C PRO A 9 17.37 6.22 -11.15
N PRO A 10 18.19 7.11 -11.71
CA PRO A 10 18.75 8.23 -10.97
C PRO A 10 17.72 9.05 -10.24
N SER A 11 16.57 9.29 -10.87
CA SER A 11 15.55 10.12 -10.28
C SER A 11 14.38 9.32 -9.64
N VAL A 12 14.03 9.72 -8.42
CA VAL A 12 12.86 9.14 -7.71
C VAL A 12 11.57 9.34 -8.49
N CSD A 13 11.52 10.29 -9.45
CA CSD A 13 10.31 10.53 -10.24
CB CSD A 13 10.07 11.97 -10.62
SG CSD A 13 9.45 12.81 -9.29
C CSD A 13 10.22 9.75 -11.55
O CSD A 13 9.20 9.86 -12.24
OD1 CSD A 13 8.75 12.08 -8.24
OD2 CSD A 13 10.65 13.34 -8.75
N GLU A 14 11.21 8.91 -11.83
CA GLU A 14 11.21 8.10 -13.06
C GLU A 14 11.05 6.64 -12.72
N LEU A 15 10.37 5.89 -13.59
CA LEU A 15 10.40 4.43 -13.50
C LEU A 15 11.51 3.82 -14.37
N PRO A 16 11.91 2.61 -14.07
CA PRO A 16 12.76 1.96 -15.05
C PRO A 16 12.25 2.04 -16.48
N PRO A 17 13.05 2.61 -17.39
CA PRO A 17 12.66 2.74 -18.76
C PRO A 17 12.46 1.42 -19.47
N GLU A 18 12.98 0.34 -18.93
CA GLU A 18 12.76 -0.97 -19.55
C GLU A 18 11.28 -1.44 -19.53
N LEU A 19 10.50 -0.97 -18.55
CA LEU A 19 9.08 -1.27 -18.48
C LEU A 19 8.26 -0.88 -19.72
N ALA A 20 8.29 0.40 -20.06
CA ALA A 20 7.62 0.90 -21.26
C ALA A 20 8.12 0.29 -22.54
N GLU A 21 9.43 0.09 -22.62
CA GLU A 21 10.03 -0.56 -23.81
C GLU A 21 9.50 -2.00 -23.99
N ILE A 22 9.42 -2.77 -22.91
CA ILE A 22 8.78 -4.07 -22.96
C ILE A 22 7.27 -3.93 -23.29
N ARG A 23 6.56 -3.04 -22.58
CA ARG A 23 5.07 -2.98 -22.70
C ARG A 23 4.68 -2.73 -24.15
N ASP A 24 5.41 -1.79 -24.72
CA ASP A 24 5.16 -1.33 -26.03
C ASP A 24 5.82 -2.16 -27.20
N GLY A 25 6.59 -3.20 -26.88
CA GLY A 25 7.21 -4.09 -27.86
C GLY A 25 6.79 -5.54 -27.59
N GLN A 26 7.66 -6.28 -26.94
CA GLN A 26 7.45 -7.72 -26.78
C GLN A 26 6.33 -8.09 -25.83
N SER A 27 6.05 -7.23 -24.85
CA SER A 27 4.88 -7.31 -23.95
C SER A 27 4.98 -8.28 -22.78
N VAL A 28 5.29 -9.53 -23.09
CA VAL A 28 5.43 -10.57 -22.12
C VAL A 28 6.82 -11.07 -22.29
N VAL A 29 7.60 -11.07 -21.22
CA VAL A 29 9.01 -11.52 -21.35
C VAL A 29 9.40 -12.32 -20.16
N GLU A 30 10.43 -13.12 -20.38
CA GLU A 30 10.97 -13.93 -19.37
C GLU A 30 11.97 -13.12 -18.55
N VAL A 31 11.98 -13.32 -17.25
CA VAL A 31 12.93 -12.62 -16.43
C VAL A 31 13.69 -13.63 -15.62
N LYS A 32 14.78 -13.17 -15.02
CA LYS A 32 15.58 -14.02 -14.15
C LYS A 32 15.85 -13.28 -12.85
N PHE A 33 15.52 -13.88 -11.72
CA PHE A 33 15.69 -13.21 -10.46
C PHE A 33 17.14 -13.36 -9.99
N PRO A 34 17.54 -12.64 -8.93
CA PRO A 34 18.94 -12.72 -8.45
C PRO A 34 19.31 -14.09 -7.92
N ASP A 35 18.37 -14.80 -7.31
CA ASP A 35 18.61 -16.21 -6.92
C ASP A 35 18.59 -17.22 -8.08
N GLY A 36 18.53 -16.76 -9.33
CA GLY A 36 18.51 -17.66 -10.46
C GLY A 36 17.17 -18.31 -10.85
N ILE A 37 16.11 -18.19 -10.04
CA ILE A 37 14.79 -18.59 -10.54
C ILE A 37 14.41 -17.72 -11.73
N SER A 38 13.84 -18.38 -12.73
CA SER A 38 13.30 -17.79 -13.94
C SER A 38 11.76 -17.54 -13.88
N GLY A 39 11.30 -16.41 -14.40
CA GLY A 39 9.85 -16.16 -14.40
C GLY A 39 9.35 -15.48 -15.65
N TRP A 40 8.12 -14.99 -15.55
CA TRP A 40 7.51 -14.20 -16.64
C TRP A 40 6.99 -12.90 -16.14
N MET A 41 7.18 -11.86 -16.90
CA MET A 41 6.57 -10.63 -16.59
C MET A 41 5.58 -10.22 -17.66
N VAL A 42 4.40 -9.76 -17.21
CA VAL A 42 3.41 -9.19 -18.11
C VAL A 42 3.24 -7.74 -17.77
N THR A 43 2.92 -6.96 -18.79
CA THR A 43 2.96 -5.52 -18.68
C THR A 43 1.74 -4.75 -19.12
N LYS A 44 0.97 -5.31 -20.06
CA LYS A 44 -0.22 -4.61 -20.56
C LYS A 44 -1.36 -4.63 -19.49
N HIS A 45 -2.18 -3.59 -19.43
CA HIS A 45 -3.26 -3.50 -18.49
C HIS A 45 -4.15 -4.77 -18.55
N ALA A 46 -4.41 -5.32 -19.74
CA ALA A 46 -5.30 -6.55 -19.80
C ALA A 46 -4.64 -7.77 -19.25
N ASP A 47 -3.32 -7.87 -19.38
CA ASP A 47 -2.65 -9.06 -18.86
C ASP A 47 -2.45 -8.99 -17.38
N VAL A 48 -2.06 -7.81 -16.88
CA VAL A 48 -1.96 -7.66 -15.45
C VAL A 48 -3.30 -7.93 -14.77
N ARG A 49 -4.39 -7.36 -15.26
CA ARG A 49 -5.65 -7.62 -14.64
C ARG A 49 -6.02 -9.12 -14.68
N LYS A 50 -5.76 -9.74 -15.82
CA LYS A 50 -5.96 -11.19 -15.90
C LYS A 50 -5.20 -12.01 -14.89
N VAL A 51 -3.95 -11.64 -14.68
CA VAL A 51 -3.15 -12.34 -13.71
C VAL A 51 -3.72 -12.25 -12.29
N LEU A 52 -4.38 -11.15 -12.01
CA LEU A 52 -5.01 -10.93 -10.69
C LEU A 52 -6.41 -11.45 -10.54
N VAL A 53 -7.15 -11.56 -11.66
CA VAL A 53 -8.49 -11.98 -11.63
C VAL A 53 -8.75 -13.44 -11.96
N ASP A 54 -7.89 -14.08 -12.76
CA ASP A 54 -8.15 -15.41 -13.30
C ASP A 54 -7.90 -16.46 -12.19
N SER A 55 -8.79 -17.48 -12.09
CA SER A 55 -8.65 -18.64 -11.15
C SER A 55 -7.32 -19.45 -11.25
N ARG A 56 -6.57 -19.36 -12.35
CA ARG A 56 -5.38 -20.21 -12.53
C ARG A 56 -4.08 -19.66 -11.98
N PHE A 57 -4.19 -18.56 -11.24
CA PHE A 57 -3.00 -17.99 -10.62
C PHE A 57 -3.10 -18.00 -9.11
N SER A 58 -2.19 -18.67 -8.46
CA SER A 58 -2.23 -18.87 -7.05
C SER A 58 -1.31 -17.87 -6.35
N SER A 59 -1.72 -17.47 -5.17
CA SER A 59 -0.87 -16.66 -4.30
C SER A 59 -0.17 -17.52 -3.25
N LYS A 60 -0.41 -18.82 -3.19
CA LYS A 60 0.04 -19.58 -2.00
C LYS A 60 1.54 -19.81 -2.13
N VAL A 61 2.31 -19.44 -1.12
CA VAL A 61 3.79 -19.40 -1.24
C VAL A 61 4.43 -20.77 -0.94
N THR A 72 9.01 -19.25 13.35
CA THR A 72 8.97 -17.87 13.82
C THR A 72 7.52 -17.39 13.84
N GLU A 73 7.22 -16.43 14.74
CA GLU A 73 5.92 -15.75 14.73
C GLU A 73 5.61 -15.05 13.39
N THR A 74 6.63 -14.42 12.82
CA THR A 74 6.55 -13.79 11.52
C THR A 74 6.14 -14.78 10.42
N GLY A 75 6.73 -15.95 10.43
CA GLY A 75 6.34 -16.97 9.47
C GLY A 75 4.92 -17.48 9.69
N LYS A 76 4.50 -17.69 10.93
CA LYS A 76 3.13 -18.17 11.11
C LYS A 76 2.11 -17.15 10.52
N LEU A 77 2.36 -15.89 10.81
CA LEU A 77 1.45 -14.81 10.44
C LEU A 77 1.33 -14.69 8.95
N MET A 78 2.43 -14.91 8.26
CA MET A 78 2.41 -14.87 6.82
C MET A 78 1.51 -15.97 6.28
N ASN A 79 1.54 -17.15 6.92
CA ASN A 79 0.63 -18.22 6.58
C ASN A 79 -0.81 -18.01 6.95
N GLU A 80 -1.06 -17.03 7.80
CA GLU A 80 -2.38 -16.77 8.28
C GLU A 80 -2.98 -15.55 7.66
N SER A 81 -2.21 -14.87 6.79
CA SER A 81 -2.64 -13.60 6.24
C SER A 81 -3.52 -13.84 5.00
N LEU A 82 -4.49 -12.96 4.78
CA LEU A 82 -5.32 -13.05 3.60
C LEU A 82 -4.52 -13.06 2.36
N VAL A 83 -3.50 -12.24 2.31
CA VAL A 83 -2.76 -12.06 1.07
C VAL A 83 -2.01 -13.31 0.61
N GLY A 84 -1.66 -14.22 1.51
CA GLY A 84 -1.03 -15.48 1.08
C GLY A 84 -2.01 -16.62 0.91
N MET A 85 -3.34 -16.40 1.01
CA MET A 85 -4.31 -17.51 0.87
C MET A 85 -4.93 -17.64 -0.52
N ASP A 86 -5.37 -18.85 -0.89
CA ASP A 86 -6.13 -19.01 -2.11
C ASP A 86 -7.49 -19.40 -1.60
N ALA A 87 -8.50 -19.32 -2.45
CA ALA A 87 -9.79 -19.95 -2.14
C ALA A 87 -9.59 -21.50 -1.95
N PRO A 88 -10.42 -22.17 -1.15
CA PRO A 88 -11.54 -21.66 -0.40
C PRO A 88 -11.20 -20.92 0.93
N GLU A 89 -9.99 -21.09 1.44
CA GLU A 89 -9.64 -20.51 2.76
C GLU A 89 -9.74 -19.00 2.70
N HIS A 90 -9.30 -18.43 1.59
CA HIS A 90 -9.31 -17.01 1.45
C HIS A 90 -10.73 -16.51 1.39
N THR A 91 -11.57 -17.23 0.70
CA THR A 91 -12.98 -16.84 0.61
C THR A 91 -13.66 -16.78 1.97
N ARG A 92 -13.44 -17.81 2.77
CA ARG A 92 -13.99 -17.82 4.15
C ARG A 92 -13.48 -16.65 4.98
N LEU A 93 -12.19 -16.42 4.97
CA LEU A 93 -11.68 -15.45 5.91
C LEU A 93 -12.15 -14.05 5.53
N ARG A 94 -12.06 -13.74 4.25
CA ARG A 94 -12.48 -12.43 3.76
C ARG A 94 -13.92 -12.14 4.01
N LYS A 95 -14.75 -13.17 3.87
CA LYS A 95 -16.15 -13.00 4.19
C LYS A 95 -16.37 -12.76 5.70
N LEU A 96 -15.52 -13.32 6.56
CA LEU A 96 -15.60 -13.05 7.99
C LEU A 96 -15.09 -11.67 8.31
N VAL A 97 -13.99 -11.27 7.72
CA VAL A 97 -13.46 -9.93 8.08
C VAL A 97 -14.41 -8.81 7.62
N THR A 98 -15.09 -8.97 6.47
CA THR A 98 -15.93 -7.91 5.92
C THR A 98 -17.28 -7.88 6.55
N LYS A 99 -17.50 -8.73 7.51
CA LYS A 99 -18.61 -8.51 8.40
C LYS A 99 -18.38 -7.32 9.28
N ALA A 100 -17.13 -6.97 9.57
CA ALA A 100 -16.84 -5.79 10.37
C ALA A 100 -16.16 -4.67 9.55
N PHE A 101 -15.31 -5.06 8.61
CA PHE A 101 -14.51 -4.12 7.83
C PHE A 101 -15.38 -3.80 6.62
N THR A 102 -16.27 -2.83 6.79
CA THR A 102 -17.21 -2.45 5.77
C THR A 102 -16.97 -1.05 5.19
N ALA A 103 -17.62 -0.77 4.07
CA ALA A 103 -17.51 0.60 3.48
C ALA A 103 -18.11 1.62 4.45
N ARG A 104 -19.16 1.24 5.16
CA ARG A 104 -19.77 2.14 6.10
C ARG A 104 -18.81 2.44 7.20
N ARG A 105 -18.16 1.44 7.78
CA ARG A 105 -17.19 1.70 8.84
C ARG A 105 -16.09 2.63 8.36
N VAL A 106 -15.59 2.37 7.16
CA VAL A 106 -14.52 3.21 6.63
C VAL A 106 -14.92 4.63 6.33
N GLU A 107 -16.05 4.81 5.63
CA GLU A 107 -16.50 6.15 5.31
C GLU A 107 -16.74 6.96 6.56
N THR A 108 -17.34 6.35 7.55
CA THR A 108 -17.65 7.07 8.79
C THR A 108 -16.40 7.40 9.67
N LEU A 109 -15.24 6.80 9.35
CA LEU A 109 -13.95 7.18 9.99
C LEU A 109 -13.33 8.50 9.40
N ARG A 110 -13.88 9.01 8.32
CA ARG A 110 -13.22 10.10 7.60
C ARG A 110 -13.07 11.29 8.59
N PRO A 111 -14.14 11.65 9.36
CA PRO A 111 -13.88 12.80 10.26
C PRO A 111 -12.72 12.58 11.24
N ARG A 112 -12.59 11.40 11.83
CA ARG A 112 -11.45 11.15 12.75
C ARG A 112 -10.13 11.17 11.98
N ILE A 113 -10.11 10.68 10.74
CA ILE A 113 -8.85 10.70 9.98
C ILE A 113 -8.46 12.18 9.78
N THR A 114 -9.43 13.01 9.46
CA THR A 114 -9.15 14.45 9.25
C THR A 114 -8.54 14.99 10.53
N GLU A 115 -9.08 14.64 11.71
CA GLU A 115 -8.50 15.13 12.97
C GLU A 115 -7.11 14.65 13.22
N LEU A 116 -6.84 13.40 12.84
CA LEU A 116 -5.52 12.86 13.04
C LEU A 116 -4.53 13.51 12.13
N VAL A 117 -4.93 13.79 10.90
CA VAL A 117 -4.08 14.54 10.02
C VAL A 117 -3.79 15.89 10.60
N GLY A 118 -4.82 16.59 11.07
CA GLY A 118 -4.64 17.97 11.67
C GLY A 118 -3.70 17.99 12.85
N GLN A 119 -3.85 17.01 13.75
CA GLN A 119 -2.97 16.87 14.88
C GLN A 119 -1.52 16.71 14.46
N LEU A 120 -1.28 15.80 13.55
CA LEU A 120 0.12 15.64 13.08
C LEU A 120 0.66 16.88 12.42
N LEU A 121 -0.15 17.62 11.66
CA LEU A 121 0.31 18.87 11.10
C LEU A 121 0.50 19.98 12.15
N ASP A 122 -0.31 19.97 13.22
CA ASP A 122 -0.10 20.88 14.31
C ASP A 122 1.24 20.65 14.95
N GLU A 123 1.68 19.38 15.10
CA GLU A 123 2.95 19.06 15.61
C GLU A 123 4.06 19.43 14.64
N LEU A 124 3.89 19.14 13.37
CA LEU A 124 4.90 19.41 12.36
C LEU A 124 5.33 20.86 12.29
N GLU A 125 4.33 21.75 12.36
CA GLU A 125 4.57 23.15 12.20
C GLU A 125 5.29 23.83 13.38
N THR A 126 5.57 23.10 14.46
CA THR A 126 6.35 23.61 15.59
C THR A 126 7.75 23.05 15.63
N LEU A 127 8.11 22.25 14.60
CA LEU A 127 9.50 21.70 14.53
C LEU A 127 10.42 22.63 13.83
N PRO A 128 11.70 22.63 14.18
CA PRO A 128 12.67 23.38 13.41
C PRO A 128 12.61 23.03 11.91
N ARG A 129 12.87 24.00 11.07
CA ARG A 129 12.66 23.82 9.69
C ARG A 129 13.98 24.05 8.95
N PRO A 130 14.25 23.32 7.85
CA PRO A 130 13.27 22.49 7.11
C PRO A 130 13.06 21.21 7.83
N VAL A 131 11.93 20.59 7.65
CA VAL A 131 11.54 19.48 8.47
C VAL A 131 11.28 18.26 7.55
N ASP A 132 11.66 17.10 8.02
CA ASP A 132 11.51 15.84 7.32
C ASP A 132 10.06 15.35 7.40
N LEU A 133 9.36 15.39 6.28
CA LEU A 133 8.01 14.87 6.25
C LEU A 133 7.87 13.36 6.55
N VAL A 134 8.89 12.57 6.25
CA VAL A 134 8.81 11.10 6.39
C VAL A 134 8.67 10.71 7.81
N LYS A 135 9.64 11.10 8.64
CA LYS A 135 9.63 10.77 10.03
C LYS A 135 8.51 11.41 10.84
N ASN A 136 8.17 12.64 10.53
CA ASN A 136 7.30 13.40 11.38
C ASN A 136 5.82 13.42 10.94
N PHE A 137 5.48 12.85 9.81
CA PHE A 137 4.09 12.89 9.30
C PHE A 137 3.73 11.60 8.61
N SER A 138 4.44 11.25 7.52
CA SER A 138 4.02 10.14 6.66
C SER A 138 4.11 8.79 7.33
N VAL A 139 5.20 8.55 8.09
CA VAL A 139 5.34 7.32 8.88
C VAL A 139 4.33 7.21 9.99
N PRO A 140 4.15 8.27 10.81
CA PRO A 140 3.15 8.01 11.88
C PRO A 140 1.66 8.03 11.48
N LEU A 141 1.32 8.75 10.43
CA LEU A 141 -0.13 8.87 10.12
C LEU A 141 -0.85 7.55 9.87
N PRO A 142 -0.30 6.66 8.99
CA PRO A 142 -1.03 5.40 8.75
C PRO A 142 -1.20 4.55 10.01
N VAL A 143 -0.29 4.66 10.97
CA VAL A 143 -0.43 3.91 12.21
C VAL A 143 -1.49 4.54 13.09
N ARG A 144 -1.55 5.85 13.14
CA ARG A 144 -2.63 6.49 13.88
C ARG A 144 -3.96 6.06 13.32
N VAL A 145 -4.05 6.02 11.99
CA VAL A 145 -5.34 5.70 11.40
C VAL A 145 -5.68 4.21 11.71
N ILE A 146 -4.69 3.35 11.59
CA ILE A 146 -4.93 1.93 11.92
C ILE A 146 -5.29 1.70 13.37
N CYS A 147 -4.59 2.39 14.27
CA CYS A 147 -4.97 2.35 15.65
C CYS A 147 -6.42 2.74 15.88
N GLU A 148 -6.88 3.77 15.17
CA GLU A 148 -8.20 4.28 15.37
C GLU A 148 -9.22 3.25 14.86
N LEU A 149 -8.96 2.68 13.71
CA LEU A 149 -9.77 1.62 13.15
C LEU A 149 -9.89 0.39 14.06
N LEU A 150 -8.76 -0.08 14.48
CA LEU A 150 -8.69 -1.30 15.29
C LEU A 150 -9.21 -1.15 16.68
N GLY A 151 -9.01 0.01 17.25
CA GLY A 151 -9.36 0.31 18.59
C GLY A 151 -8.20 0.30 19.56
N VAL A 152 -6.98 0.58 19.12
CA VAL A 152 -5.86 0.70 20.06
C VAL A 152 -5.99 2.03 20.83
N PRO A 153 -6.05 2.01 22.15
CA PRO A 153 -6.27 3.29 22.81
C PRO A 153 -5.05 4.16 22.85
N ALA A 154 -5.27 5.49 22.98
CA ALA A 154 -4.20 6.51 22.87
C ALA A 154 -3.07 6.29 23.88
N GLY A 155 -3.44 5.89 25.08
CA GLY A 155 -2.49 5.46 26.10
C GLY A 155 -1.55 4.34 25.66
N ASP A 156 -1.96 3.48 24.72
CA ASP A 156 -1.04 2.44 24.15
C ASP A 156 -0.23 2.86 22.89
N GLN A 157 -0.49 4.04 22.37
CA GLN A 157 -0.02 4.39 21.08
C GLN A 157 1.43 4.64 20.96
N ASP A 158 2.10 5.27 21.94
CA ASP A 158 3.55 5.53 21.76
C ASP A 158 4.28 4.21 21.55
N THR A 159 4.02 3.30 22.46
CA THR A 159 4.54 1.93 22.42
C THR A 159 4.17 1.20 21.12
N PHE A 160 2.89 1.31 20.72
CA PHE A 160 2.47 0.71 19.46
C PHE A 160 3.24 1.27 18.27
N HIS A 161 3.48 2.57 18.19
CA HIS A 161 4.39 3.12 17.17
C HIS A 161 5.79 2.50 17.20
N ALA A 162 6.30 2.23 18.39
CA ALA A 162 7.68 1.77 18.46
C ALA A 162 7.70 0.37 17.85
N TRP A 163 6.75 -0.45 18.26
CA TRP A 163 6.58 -1.76 17.56
C TRP A 163 6.42 -1.66 16.08
N SER A 164 5.55 -0.77 15.61
CA SER A 164 5.24 -0.70 14.19
C SER A 164 6.45 -0.28 13.44
N ASN A 165 7.15 0.71 13.98
CA ASN A 165 8.33 1.18 13.29
C ASN A 165 9.46 0.14 13.24
N ALA A 166 9.58 -0.72 14.25
CA ALA A 166 10.56 -1.81 14.25
C ALA A 166 10.25 -2.84 13.13
N LEU A 167 8.97 -2.97 12.80
CA LEU A 167 8.54 -3.88 11.77
C LEU A 167 9.05 -3.48 10.41
N LEU A 168 9.26 -2.18 10.19
CA LEU A 168 9.68 -1.65 8.90
C LEU A 168 11.18 -1.77 8.63
N GLY A 169 11.94 -2.30 9.56
CA GLY A 169 13.37 -2.52 9.35
C GLY A 169 13.74 -3.28 8.07
N ASP A 170 15.01 -3.73 8.03
CA ASP A 170 15.76 -3.95 6.78
C ASP A 170 15.81 -5.38 6.10
N TRP A 171 15.94 -6.43 6.92
CA TRP A 171 16.52 -7.77 6.56
C TRP A 171 17.81 -7.81 7.32
N GLN A 172 18.50 -6.69 7.30
CA GLN A 172 19.53 -6.48 8.27
C GLN A 172 18.98 -6.45 9.71
N GLN A 173 17.71 -6.08 10.00
CA GLN A 173 17.18 -6.53 11.35
C GLN A 173 15.97 -7.50 11.49
N VAL A 174 16.28 -8.75 11.18
CA VAL A 174 15.36 -9.84 11.37
C VAL A 174 15.08 -10.01 12.84
N VAL A 175 16.06 -9.80 13.72
CA VAL A 175 15.75 -10.06 15.13
C VAL A 175 14.79 -9.00 15.75
N GLU A 176 14.99 -7.72 15.36
CA GLU A 176 14.17 -6.56 15.85
C GLU A 176 12.70 -6.76 15.43
N LYS A 177 12.53 -7.08 14.18
CA LYS A 177 11.23 -7.30 13.57
C LYS A 177 10.50 -8.49 14.15
N GLU A 178 11.18 -9.63 14.26
CA GLU A 178 10.58 -10.76 14.92
C GLU A 178 10.16 -10.41 16.35
N ALA A 179 11.01 -9.71 17.09
CA ALA A 179 10.64 -9.39 18.48
C ALA A 179 9.44 -8.38 18.51
N ALA A 180 9.41 -7.45 17.57
CA ALA A 180 8.25 -6.51 17.51
C ALA A 180 6.97 -7.30 17.17
N THR A 181 7.10 -8.27 16.30
CA THR A 181 5.96 -9.12 15.91
C THR A 181 5.41 -9.92 17.09
N VAL A 182 6.32 -10.43 17.89
CA VAL A 182 5.94 -11.14 19.09
C VAL A 182 5.23 -10.19 20.04
N SER A 183 5.74 -8.98 20.23
CA SER A 183 5.06 -8.09 21.15
C SER A 183 3.63 -7.75 20.65
N LEU A 184 3.49 -7.60 19.34
CA LEU A 184 2.20 -7.20 18.74
C LEU A 184 1.26 -8.35 18.91
N VAL A 185 1.77 -9.58 18.72
CA VAL A 185 0.91 -10.73 18.92
C VAL A 185 0.40 -10.79 20.36
N ASN A 186 1.26 -10.58 21.36
CA ASN A 186 0.76 -10.62 22.78
C ASN A 186 -0.04 -9.39 23.12
N TYR A 187 0.36 -8.24 22.56
CA TYR A 187 -0.50 -7.05 22.74
C TYR A 187 -1.95 -7.27 22.26
N PHE A 188 -2.15 -7.80 21.06
CA PHE A 188 -3.51 -7.97 20.55
C PHE A 188 -4.31 -9.01 21.36
N GLY A 189 -3.66 -10.03 21.91
CA GLY A 189 -4.37 -10.97 22.83
C GLY A 189 -4.94 -10.22 24.03
N GLU A 190 -4.12 -9.37 24.63
CA GLU A 190 -4.58 -8.57 25.78
C GLU A 190 -5.67 -7.60 25.39
N LEU A 191 -5.52 -6.94 24.22
CA LEU A 191 -6.53 -5.98 23.76
C LEU A 191 -7.87 -6.69 23.52
N ILE A 192 -7.84 -7.94 23.11
CA ILE A 192 -9.09 -8.69 22.88
C ILE A 192 -9.87 -8.85 24.19
N ALA A 193 -9.18 -9.23 25.27
CA ALA A 193 -9.84 -9.32 26.58
C ALA A 193 -10.34 -7.96 27.04
N VAL A 194 -9.58 -6.89 26.86
CA VAL A 194 -10.17 -5.59 27.25
C VAL A 194 -11.41 -5.24 26.43
N LYS A 195 -11.35 -5.47 25.12
CA LYS A 195 -12.50 -5.10 24.29
C LYS A 195 -13.68 -6.06 24.48
N ARG A 196 -13.45 -7.32 24.82
CA ARG A 196 -14.57 -8.22 25.12
C ARG A 196 -15.36 -7.60 26.27
N GLU A 197 -14.67 -7.07 27.28
CA GLU A 197 -15.36 -6.53 28.47
C GLU A 197 -15.99 -5.19 28.23
N ASN A 198 -15.28 -4.27 27.58
CA ASN A 198 -15.86 -2.97 27.27
C ASN A 198 -15.78 -2.71 25.78
N PRO A 199 -16.77 -3.15 25.01
CA PRO A 199 -16.68 -2.98 23.56
C PRO A 199 -16.79 -1.54 23.15
N ALA A 200 -16.23 -1.13 22.02
CA ALA A 200 -16.34 0.27 21.59
C ALA A 200 -16.54 0.27 20.10
N ASP A 201 -16.55 1.45 19.48
CA ASP A 201 -16.79 1.54 18.03
C ASP A 201 -15.49 1.35 17.28
N ASP A 202 -15.12 0.11 17.12
CA ASP A 202 -13.85 -0.20 16.46
C ASP A 202 -13.88 -1.58 15.94
N LEU A 203 -12.91 -1.94 15.09
CA LEU A 203 -12.97 -3.14 14.37
C LEU A 203 -12.78 -4.36 15.30
N ILE A 204 -11.90 -4.29 16.29
CA ILE A 204 -11.61 -5.47 17.09
C ILE A 204 -12.85 -5.84 17.93
N SER A 205 -13.58 -4.82 18.41
CA SER A 205 -14.78 -5.02 19.23
C SER A 205 -15.79 -5.76 18.40
N GLU A 206 -15.97 -5.36 17.16
CA GLU A 206 -16.93 -6.06 16.33
C GLU A 206 -16.51 -7.45 15.97
N LEU A 207 -15.23 -7.63 15.62
CA LEU A 207 -14.79 -8.92 15.31
C LEU A 207 -14.97 -9.92 16.47
N ILE A 208 -14.75 -9.46 17.70
CA ILE A 208 -14.85 -10.31 18.89
C ILE A 208 -16.29 -10.75 19.04
N ALA A 209 -17.22 -9.83 18.81
CA ALA A 209 -18.65 -10.14 18.88
C ALA A 209 -19.00 -11.16 17.84
N ILE A 210 -18.47 -11.05 16.64
CA ILE A 210 -18.65 -12.12 15.61
C ILE A 210 -18.07 -13.47 16.01
N SER A 211 -16.84 -13.44 16.52
CA SER A 211 -16.16 -14.62 17.03
C SER A 211 -16.95 -15.31 18.18
N ASP A 212 -17.39 -14.54 19.18
CA ASP A 212 -18.20 -15.05 20.30
C ASP A 212 -19.59 -15.55 19.85
N GLY A 213 -20.12 -15.09 18.72
CA GLY A 213 -21.43 -15.55 18.21
C GLY A 213 -21.23 -16.90 17.56
N ASP A 214 -22.09 -17.33 16.66
CA ASP A 214 -21.72 -18.56 15.94
C ASP A 214 -21.16 -18.24 14.57
N SER A 215 -19.86 -18.07 14.54
CA SER A 215 -19.21 -18.09 13.30
C SER A 215 -18.05 -18.87 13.76
N THR A 216 -17.18 -19.26 12.83
CA THR A 216 -16.02 -20.02 13.22
C THR A 216 -14.85 -19.09 13.38
N LEU A 217 -15.06 -17.77 13.41
CA LEU A 217 -13.93 -16.84 13.54
C LEU A 217 -13.24 -17.04 14.91
N THR A 218 -11.92 -17.20 14.89
CA THR A 218 -11.20 -17.44 16.14
C THR A 218 -10.49 -16.19 16.61
N GLU A 219 -10.07 -16.18 17.88
CA GLU A 219 -9.28 -15.09 18.45
C GLU A 219 -8.01 -14.94 17.74
N ARG A 220 -7.31 -16.04 17.47
CA ARG A 220 -6.07 -16.00 16.69
C ARG A 220 -6.22 -15.34 15.31
N GLU A 221 -7.34 -15.60 14.66
CA GLU A 221 -7.62 -15.02 13.35
C GLU A 221 -7.80 -13.52 13.49
N ILE A 222 -8.36 -13.08 14.59
CA ILE A 222 -8.45 -11.64 14.89
C ILE A 222 -7.09 -10.97 15.02
N ILE A 223 -6.17 -11.69 15.66
CA ILE A 223 -4.84 -11.24 15.87
C ILE A 223 -4.14 -11.20 14.54
N ALA A 224 -4.28 -12.27 13.75
CA ALA A 224 -3.58 -12.32 12.49
C ALA A 224 -4.15 -11.23 11.54
N LEU A 225 -5.45 -10.95 11.62
CA LEU A 225 -6.08 -9.87 10.78
C LEU A 225 -5.53 -8.51 11.12
N SER A 226 -5.45 -8.27 12.44
CA SER A 226 -5.00 -7.00 13.00
C SER A 226 -3.57 -6.71 12.55
N ILE A 227 -2.72 -7.71 12.64
CA ILE A 227 -1.35 -7.49 12.21
C ILE A 227 -1.23 -7.45 10.70
N GLY A 228 -2.01 -8.25 10.00
CA GLY A 228 -1.99 -8.20 8.56
C GLY A 228 -2.43 -6.83 8.02
N ILE A 229 -3.38 -6.18 8.68
CA ILE A 229 -3.84 -4.82 8.31
C ILE A 229 -2.72 -3.80 8.56
N LEU A 230 -2.07 -3.92 9.73
CA LEU A 230 -0.93 -3.07 10.07
C LEU A 230 0.11 -3.16 9.00
N SER A 231 0.45 -4.39 8.72
CA SER A 231 1.46 -4.68 7.80
C SER A 231 1.11 -4.28 6.35
N ALA A 232 -0.12 -4.45 5.91
CA ALA A 232 -0.46 -4.07 4.56
C ALA A 232 -0.63 -2.54 4.40
N GLY A 233 -1.00 -1.91 5.47
CA GLY A 233 -1.37 -0.57 5.40
C GLY A 233 -0.44 0.49 5.95
N HIS A 234 0.68 0.12 6.61
CA HIS A 234 1.56 1.16 7.19
C HIS A 234 2.56 1.68 6.18
N GLU A 235 3.41 0.78 5.69
CA GLU A 235 4.53 1.22 4.86
C GLU A 235 4.10 1.62 3.48
N THR A 236 3.01 1.02 3.00
CA THR A 236 2.45 1.43 1.73
C THR A 236 1.96 2.90 1.79
N THR A 237 1.04 3.18 2.68
CA THR A 237 0.44 4.48 2.77
C THR A 237 1.54 5.49 3.08
N ALA A 238 2.40 5.16 4.02
CA ALA A 238 3.49 6.02 4.41
C ALA A 238 4.37 6.48 3.24
N ASN A 239 4.78 5.51 2.45
CA ASN A 239 5.65 5.80 1.33
C ASN A 239 4.92 6.63 0.28
N GLN A 240 3.65 6.32 0.02
CA GLN A 240 2.87 7.02 -0.96
C GLN A 240 2.62 8.49 -0.59
N ILE A 241 2.38 8.79 0.68
CA ILE A 241 2.08 10.20 1.02
C ILE A 241 3.28 11.11 0.55
N SER A 242 4.51 10.68 0.89
CA SER A 242 5.69 11.48 0.64
C SER A 242 6.00 11.48 -0.82
N MET A 243 5.86 10.32 -1.47
CA MET A 243 6.11 10.26 -2.94
C MET A 243 5.10 11.07 -3.73
N PHE A 244 3.85 11.10 -3.25
CA PHE A 244 2.84 11.89 -3.89
C PHE A 244 3.20 13.38 -3.88
N LEU A 245 3.55 13.86 -2.70
CA LEU A 245 3.96 15.29 -2.56
C LEU A 245 5.15 15.63 -3.48
N VAL A 246 6.13 14.76 -3.58
CA VAL A 246 7.24 15.03 -4.50
C VAL A 246 6.82 15.07 -5.96
N THR A 247 5.93 14.18 -6.33
CA THR A 247 5.45 14.11 -7.71
C THR A 247 4.72 15.38 -8.05
N LEU A 248 3.92 15.85 -7.09
CA LEU A 248 3.08 16.99 -7.33
C LEU A 248 3.97 18.24 -7.54
N LEU A 249 5.00 18.33 -6.72
CA LEU A 249 5.94 19.43 -6.76
C LEU A 249 6.76 19.43 -8.07
N HIS A 250 6.96 18.22 -8.62
CA HIS A 250 7.74 18.03 -9.79
C HIS A 250 6.87 18.42 -10.94
N ASN A 251 5.56 18.50 -10.74
CA ASN A 251 4.58 18.81 -11.81
C ASN A 251 3.77 20.02 -11.38
N PRO A 252 4.42 21.18 -11.34
CA PRO A 252 3.70 22.36 -10.74
C PRO A 252 2.41 22.85 -11.42
N GLU A 253 2.26 22.65 -12.71
CA GLU A 253 1.01 22.95 -13.37
C GLU A 253 -0.14 22.00 -12.93
N GLU A 254 0.18 20.77 -12.50
CA GLU A 254 -0.87 19.84 -11.95
C GLU A 254 -1.24 20.25 -10.55
N LEU A 255 -0.21 20.53 -9.76
CA LEU A 255 -0.42 20.97 -8.41
C LEU A 255 -1.27 22.25 -8.36
N ASP A 256 -1.06 23.16 -9.31
CA ASP A 256 -1.84 24.40 -9.33
C ASP A 256 -3.30 24.12 -9.50
N LYS A 257 -3.66 23.04 -10.20
CA LYS A 257 -5.07 22.76 -10.38
C LYS A 257 -5.73 22.38 -9.08
N LEU A 258 -4.96 22.08 -8.04
CA LEU A 258 -5.53 21.59 -6.79
C LEU A 258 -5.64 22.69 -5.71
N ARG A 259 -4.90 23.78 -5.89
CA ARG A 259 -4.62 24.75 -4.83
C ARG A 259 -5.79 25.39 -4.09
N ASP A 260 -6.95 25.59 -4.66
CA ASP A 260 -8.03 26.02 -3.77
C ASP A 260 -9.25 25.31 -4.18
N ASN A 261 -9.20 23.99 -4.07
CA ASN A 261 -10.06 23.21 -4.88
C ASN A 261 -10.03 21.81 -4.40
N ARG A 262 -10.59 21.67 -3.22
CA ARG A 262 -10.57 20.44 -2.54
C ARG A 262 -11.52 19.44 -3.14
N GLU A 263 -12.45 19.93 -3.96
CA GLU A 263 -13.30 19.06 -4.78
C GLU A 263 -12.49 18.20 -5.72
N ALA A 264 -11.36 18.70 -6.18
CA ALA A 264 -10.54 17.97 -7.17
C ALA A 264 -9.64 16.91 -6.50
N ILE A 265 -9.61 16.89 -5.17
CA ILE A 265 -8.69 16.02 -4.51
C ILE A 265 -8.92 14.49 -4.75
N PRO A 266 -10.14 14.01 -4.63
CA PRO A 266 -10.33 12.62 -4.90
C PRO A 266 -9.76 12.12 -6.28
N LYS A 267 -10.04 12.80 -7.38
CA LYS A 267 -9.50 12.38 -8.70
C LYS A 267 -8.01 12.48 -8.81
N ALA A 268 -7.45 13.47 -8.13
CA ALA A 268 -6.01 13.65 -8.04
C ALA A 268 -5.31 12.50 -7.30
N VAL A 269 -5.88 12.08 -6.19
CA VAL A 269 -5.35 10.92 -5.44
C VAL A 269 -5.32 9.62 -6.26
N ASP A 270 -6.41 9.35 -6.99
CA ASP A 270 -6.46 8.23 -7.90
C ASP A 270 -5.49 8.34 -9.05
N GLU A 271 -5.30 9.57 -9.56
CA GLU A 271 -4.23 9.79 -10.56
C GLU A 271 -2.84 9.57 -9.96
N LEU A 272 -2.65 9.96 -8.72
CA LEU A 272 -1.35 9.70 -8.09
C LEU A 272 -1.13 8.23 -7.82
N LEU A 273 -2.17 7.54 -7.37
CA LEU A 273 -2.09 6.10 -7.21
C LEU A 273 -1.69 5.42 -8.48
N ARG A 274 -2.29 5.85 -9.56
CA ARG A 274 -1.95 5.30 -10.87
C ARG A 274 -0.48 5.55 -11.27
N PHE A 275 -0.03 6.76 -11.09
CA PHE A 275 1.21 7.21 -11.66
C PHE A 275 2.47 7.04 -10.79
N VAL A 276 2.30 6.81 -9.49
CA VAL A 276 3.37 6.75 -8.54
C VAL A 276 3.30 5.38 -7.87
N PRO A 277 3.96 4.39 -8.47
CA PRO A 277 3.66 3.01 -8.04
C PRO A 277 4.43 2.57 -6.81
N LEU A 278 3.88 1.60 -6.07
CA LEU A 278 4.59 1.03 -4.91
C LEU A 278 5.90 0.32 -5.28
N THR A 279 5.87 -0.52 -6.32
CA THR A 279 7.02 -1.12 -6.92
C THR A 279 6.65 -1.34 -8.37
N THR A 280 7.58 -1.94 -9.10
CA THR A 280 7.28 -2.43 -10.44
C THR A 280 6.02 -3.29 -10.48
N THR A 281 5.76 -4.09 -9.47
CA THR A 281 4.53 -4.89 -9.48
C THR A 281 3.46 -4.37 -8.54
N GLY A 282 3.49 -3.09 -8.21
CA GLY A 282 2.51 -2.56 -7.29
C GLY A 282 2.56 -3.16 -5.91
N GLY A 283 3.72 -3.72 -5.55
CA GLY A 283 3.91 -4.26 -4.23
C GLY A 283 3.36 -5.68 -4.17
N ILE A 284 2.93 -6.22 -5.34
CA ILE A 284 2.20 -7.50 -5.38
C ILE A 284 3.21 -8.60 -5.57
N ILE A 285 3.13 -9.65 -4.76
CA ILE A 285 4.05 -10.77 -4.85
C ILE A 285 3.71 -11.57 -6.12
N PRO A 286 4.73 -12.03 -6.89
CA PRO A 286 4.53 -12.80 -8.09
C PRO A 286 3.58 -13.98 -7.88
N ARG A 287 2.65 -14.18 -8.80
CA ARG A 287 1.69 -15.27 -8.71
C ARG A 287 2.28 -16.55 -9.28
N LEU A 288 1.70 -17.69 -8.97
CA LEU A 288 2.11 -18.95 -9.57
C LEU A 288 1.01 -19.55 -10.39
N THR A 289 1.24 -19.87 -11.65
CA THR A 289 0.20 -20.50 -12.43
C THR A 289 -0.05 -21.94 -12.01
N THR A 290 -1.28 -22.36 -12.05
CA THR A 290 -1.58 -23.73 -11.74
C THR A 290 -2.03 -24.54 -12.97
N ALA A 291 -2.10 -23.90 -14.13
CA ALA A 291 -2.50 -24.51 -15.41
C ALA A 291 -1.92 -23.51 -16.40
N GLU A 292 -1.91 -23.84 -17.67
CA GLU A 292 -1.41 -22.89 -18.64
C GLU A 292 -2.43 -21.81 -18.81
N VAL A 293 -1.98 -20.64 -19.22
CA VAL A 293 -2.91 -19.52 -19.38
C VAL A 293 -2.60 -18.77 -20.61
N GLU A 294 -3.59 -18.64 -21.50
CA GLU A 294 -3.44 -17.84 -22.68
C GLU A 294 -3.66 -16.36 -22.35
N LEU A 295 -2.76 -15.47 -22.82
CA LEU A 295 -2.91 -14.01 -22.57
C LEU A 295 -3.48 -13.29 -23.76
N SER A 296 -3.87 -12.02 -23.56
CA SER A 296 -4.55 -11.22 -24.60
C SER A 296 -3.77 -11.22 -25.93
N GLY A 297 -2.45 -11.25 -25.88
CA GLY A 297 -1.65 -11.20 -27.11
C GLY A 297 -1.39 -12.55 -27.78
N GLY A 298 -1.93 -13.63 -27.22
CA GLY A 298 -1.68 -15.00 -27.68
C GLY A 298 -0.57 -15.76 -26.98
N GLN A 299 0.26 -15.10 -26.14
CA GLN A 299 1.24 -15.85 -25.32
C GLN A 299 0.57 -16.76 -24.40
N VAL A 300 1.10 -17.96 -24.26
CA VAL A 300 0.53 -18.92 -23.35
C VAL A 300 1.59 -19.14 -22.29
N LEU A 301 1.29 -18.66 -21.09
CA LEU A 301 2.09 -18.94 -19.94
C LEU A 301 1.92 -20.38 -19.55
N PRO A 302 3.03 -21.06 -19.22
CA PRO A 302 3.00 -22.46 -18.82
C PRO A 302 2.56 -22.65 -17.38
N ALA A 303 2.10 -23.87 -17.09
CA ALA A 303 1.76 -24.26 -15.74
C ALA A 303 3.00 -24.25 -14.86
N GLY A 304 2.82 -23.99 -13.59
CA GLY A 304 3.96 -23.91 -12.68
C GLY A 304 4.85 -22.68 -12.85
N ALA A 305 4.39 -21.58 -13.40
CA ALA A 305 5.29 -20.49 -13.69
C ALA A 305 5.06 -19.35 -12.69
N VAL A 306 6.17 -18.72 -12.32
CA VAL A 306 6.18 -17.54 -11.49
C VAL A 306 5.91 -16.39 -12.42
N VAL A 307 4.90 -15.57 -12.14
CA VAL A 307 4.47 -14.49 -13.07
C VAL A 307 4.36 -13.15 -12.29
N LEU A 308 5.07 -12.14 -12.78
CA LEU A 308 5.16 -10.79 -12.23
C LEU A 308 4.17 -9.91 -12.94
N PRO A 309 3.22 -9.39 -12.18
CA PRO A 309 2.24 -8.50 -12.77
C PRO A 309 2.76 -7.06 -12.68
N ALA A 310 3.30 -6.52 -13.77
CA ALA A 310 3.93 -5.18 -13.74
C ALA A 310 2.90 -4.03 -13.69
N VAL A 311 2.22 -3.94 -12.56
CA VAL A 311 1.28 -2.88 -12.27
C VAL A 311 1.77 -1.53 -12.68
N ALA A 312 3.06 -1.24 -12.41
CA ALA A 312 3.55 0.12 -12.60
C ALA A 312 3.43 0.56 -14.04
N THR A 313 3.73 -0.36 -14.98
CA THR A 313 3.62 -0.05 -16.39
C THR A 313 2.22 -0.29 -16.98
N ALA A 314 1.52 -1.29 -16.48
CA ALA A 314 0.15 -1.48 -16.94
C ALA A 314 -0.69 -0.23 -16.65
N ASN A 315 -0.43 0.41 -15.52
CA ASN A 315 -1.12 1.64 -15.15
C ASN A 315 -0.83 2.87 -16.07
N ARG A 316 0.04 2.69 -17.07
CA ARG A 316 0.29 3.71 -18.07
C ARG A 316 0.04 3.18 -19.49
N ASP A 317 -0.62 2.05 -19.61
CA ASP A 317 -0.87 1.38 -20.91
C ASP A 317 -1.63 2.36 -21.82
N PRO A 318 -1.05 2.76 -22.96
CA PRO A 318 -1.66 3.73 -23.87
C PRO A 318 -2.97 3.24 -24.50
N GLU A 319 -3.22 1.93 -24.44
CA GLU A 319 -4.54 1.39 -24.82
C GLU A 319 -5.64 1.72 -23.83
N VAL A 320 -5.32 2.05 -22.59
CA VAL A 320 -6.37 2.26 -21.56
C VAL A 320 -6.35 3.69 -21.04
N PHE A 321 -5.19 4.35 -21.04
CA PHE A 321 -5.05 5.62 -20.39
C PHE A 321 -4.53 6.54 -21.45
N GLU A 322 -5.17 7.66 -21.65
CA GLU A 322 -4.68 8.60 -22.64
C GLU A 322 -3.52 9.37 -22.14
N ASP A 323 -2.49 9.49 -22.95
CA ASP A 323 -1.26 10.20 -22.54
C ASP A 323 -0.78 9.67 -21.18
N GLY A 324 -0.64 8.37 -21.11
CA GLY A 324 -0.49 7.68 -19.82
C GLY A 324 0.86 7.81 -19.13
N GLU A 325 1.84 8.30 -19.85
CA GLU A 325 3.16 8.46 -19.28
C GLU A 325 3.35 9.87 -18.73
N ARG A 326 2.29 10.65 -18.58
CA ARG A 326 2.34 11.91 -17.90
C ARG A 326 1.26 11.99 -16.86
N LEU A 327 1.47 12.88 -15.91
CA LEU A 327 0.57 13.08 -14.78
C LEU A 327 -0.47 14.08 -15.20
N ASN A 328 -1.73 13.71 -15.03
CA ASN A 328 -2.82 14.65 -15.20
C ASN A 328 -3.81 14.44 -14.08
N VAL A 329 -3.74 15.31 -13.06
CA VAL A 329 -4.55 15.19 -11.82
C VAL A 329 -6.04 15.39 -12.00
N THR A 330 -6.44 15.75 -13.22
CA THR A 330 -7.83 15.89 -13.61
C THR A 330 -8.35 14.66 -14.31
N ARG A 331 -7.56 13.60 -14.51
CA ARG A 331 -7.96 12.45 -15.32
C ARG A 331 -9.24 11.83 -14.74
N GLU A 332 -10.25 11.73 -15.57
CA GLU A 332 -11.49 11.11 -15.19
C GLU A 332 -11.52 9.59 -15.40
N ASN A 333 -11.18 9.22 -16.62
CA ASN A 333 -11.07 7.85 -17.04
C ASN A 333 -9.80 7.17 -16.46
N ASN A 334 -9.94 6.59 -15.27
CA ASN A 334 -8.80 6.04 -14.54
C ASN A 334 -9.02 4.70 -13.91
N PRO A 335 -9.04 3.63 -14.74
CA PRO A 335 -9.24 2.27 -14.22
C PRO A 335 -7.93 1.64 -13.74
N HIS A 336 -7.27 2.30 -12.81
CA HIS A 336 -5.98 1.86 -12.41
C HIS A 336 -5.98 0.57 -11.57
N LEU A 337 -4.85 -0.11 -11.59
CA LEU A 337 -4.65 -1.39 -10.87
C LEU A 337 -3.82 -1.25 -9.60
N ALA A 338 -3.73 -0.03 -9.09
CA ALA A 338 -2.88 0.19 -7.86
C ALA A 338 -3.39 -0.56 -6.62
N PHE A 339 -4.68 -0.93 -6.61
CA PHE A 339 -5.19 -1.70 -5.50
C PHE A 339 -5.45 -3.13 -5.92
N GLY A 340 -4.98 -3.49 -7.08
CA GLY A 340 -5.06 -4.84 -7.53
C GLY A 340 -6.41 -5.04 -8.13
N ALA A 341 -6.82 -6.30 -8.19
CA ALA A 341 -8.10 -6.72 -8.77
C ALA A 341 -8.34 -8.15 -8.39
N GLY A 342 -9.54 -8.67 -8.68
CA GLY A 342 -9.90 -10.03 -8.30
C GLY A 342 -10.05 -10.21 -6.81
N ILE A 343 -9.85 -11.44 -6.31
CA ILE A 343 -10.27 -11.67 -4.93
C ILE A 343 -9.39 -10.94 -3.90
N HIS A 344 -8.13 -10.67 -4.24
CA HIS A 344 -7.22 -10.05 -3.29
C HIS A 344 -7.24 -8.52 -3.36
N HIS A 345 -8.11 -7.96 -4.19
CA HIS A 345 -8.26 -6.53 -4.30
C HIS A 345 -8.15 -5.85 -2.94
N CYS A 346 -7.28 -4.85 -2.82
CA CYS A 346 -6.95 -4.25 -1.54
C CYS A 346 -8.16 -4.10 -0.62
N LEU A 347 -8.08 -4.73 0.55
CA LEU A 347 -9.09 -4.60 1.54
C LEU A 347 -9.19 -3.17 2.02
N GLY A 348 -8.05 -2.49 2.10
CA GLY A 348 -8.03 -1.11 2.53
C GLY A 348 -8.25 -0.06 1.46
N ALA A 349 -8.73 -0.42 0.27
CA ALA A 349 -8.65 0.49 -0.85
C ALA A 349 -9.34 1.85 -0.62
N GLN A 350 -10.51 1.80 -0.04
CA GLN A 350 -11.31 2.96 0.30
C GLN A 350 -10.64 3.73 1.46
N LEU A 351 -10.11 3.03 2.44
CA LEU A 351 -9.50 3.63 3.61
C LEU A 351 -8.21 4.35 3.21
N ALA A 352 -7.39 3.68 2.41
CA ALA A 352 -6.22 4.31 1.87
C ALA A 352 -6.54 5.58 1.09
N ARG A 353 -7.57 5.53 0.25
CA ARG A 353 -7.93 6.73 -0.52
C ARG A 353 -8.29 7.89 0.45
N ILE A 354 -9.02 7.57 1.51
CA ILE A 354 -9.42 8.56 2.45
C ILE A 354 -8.21 9.15 3.17
N GLU A 355 -7.28 8.32 3.58
CA GLU A 355 -6.06 8.82 4.26
C GLU A 355 -5.28 9.75 3.35
N LEU A 356 -5.16 9.39 2.08
CA LEU A 356 -4.32 10.19 1.16
C LEU A 356 -5.04 11.48 0.76
N GLN A 357 -6.35 11.39 0.62
CA GLN A 357 -7.12 12.57 0.36
C GLN A 357 -7.00 13.56 1.51
N GLU A 358 -7.21 13.10 2.72
CA GLU A 358 -7.19 14.00 3.86
C GLU A 358 -5.77 14.55 4.12
N ALA A 359 -4.75 13.71 3.94
CA ALA A 359 -3.38 14.13 4.11
C ALA A 359 -3.00 15.23 3.11
N LEU A 360 -3.29 14.97 1.85
CA LEU A 360 -2.88 15.89 0.81
C LEU A 360 -3.70 17.15 0.84
N GLY A 361 -5.01 17.05 1.08
CA GLY A 361 -5.87 18.27 1.12
C GLY A 361 -5.46 19.18 2.26
N ALA A 362 -5.08 18.61 3.41
CA ALA A 362 -4.67 19.43 4.50
C ALA A 362 -3.32 20.06 4.28
N ILE A 363 -2.38 19.34 3.73
CA ILE A 363 -1.09 19.92 3.47
C ILE A 363 -1.18 21.14 2.53
N LEU A 364 -1.91 20.99 1.46
CA LEU A 364 -2.09 22.05 0.49
C LEU A 364 -2.88 23.21 1.06
N ASP A 365 -3.80 22.94 1.96
CA ASP A 365 -4.53 23.98 2.68
C ASP A 365 -3.70 24.68 3.67
N ARG A 366 -2.95 23.95 4.45
CA ARG A 366 -2.16 24.57 5.51
C ARG A 366 -0.77 25.01 5.14
N MET A 367 -0.22 24.43 4.09
CA MET A 367 1.17 24.76 3.74
C MET A 367 1.17 24.99 2.25
N PRO A 368 0.45 26.04 1.82
CA PRO A 368 0.20 26.17 0.38
C PRO A 368 1.47 26.51 -0.41
N GLN A 369 2.48 27.03 0.26
CA GLN A 369 3.79 27.29 -0.40
C GLN A 369 4.83 26.18 -0.15
N VAL A 370 4.37 25.00 0.21
CA VAL A 370 5.30 23.92 0.54
C VAL A 370 6.26 23.71 -0.63
N ARG A 371 7.53 23.52 -0.34
CA ARG A 371 8.46 23.11 -1.36
C ARG A 371 9.52 22.26 -0.77
N LEU A 372 10.32 21.66 -1.64
CA LEU A 372 11.47 20.87 -1.19
C LEU A 372 12.55 21.81 -0.65
N ALA A 373 13.24 21.39 0.40
CA ALA A 373 14.30 22.17 1.03
C ALA A 373 15.65 21.67 0.51
N VAL A 374 15.65 20.72 -0.44
CA VAL A 374 16.87 20.28 -1.10
C VAL A 374 16.55 20.12 -2.60
N PRO A 375 17.59 20.03 -3.46
CA PRO A 375 17.29 19.80 -4.87
C PRO A 375 16.70 18.37 -5.04
N GLU A 376 15.75 18.24 -5.93
CA GLU A 376 15.05 16.97 -6.13
C GLU A 376 16.05 15.82 -6.49
N SER A 377 17.16 16.15 -7.17
CA SER A 377 18.21 15.16 -7.47
C SER A 377 18.88 14.58 -6.23
N GLU A 378 18.76 15.28 -5.09
CA GLU A 378 19.33 14.74 -3.87
C GLU A 378 18.42 13.73 -3.20
N LEU A 379 17.17 13.65 -3.62
CA LEU A 379 16.31 12.72 -2.96
C LEU A 379 16.67 11.34 -3.44
N ARG A 380 16.49 10.34 -2.60
CA ARG A 380 16.77 8.98 -3.03
C ARG A 380 15.85 7.98 -2.34
N LEU A 381 15.59 6.89 -3.05
CA LEU A 381 14.79 5.80 -2.52
C LEU A 381 15.65 5.04 -1.52
N LYS A 382 15.05 4.51 -0.45
CA LYS A 382 15.77 3.64 0.47
C LYS A 382 16.20 2.36 -0.24
N SER A 383 17.44 1.95 -0.04
CA SER A 383 17.99 0.75 -0.72
C SER A 383 17.31 -0.50 -0.22
N ALA A 384 17.03 -0.52 1.07
CA ALA A 384 16.70 -1.74 1.73
C ALA A 384 15.22 -1.79 2.07
N SER A 385 14.39 -1.26 1.18
CA SER A 385 12.95 -1.35 1.40
C SER A 385 12.29 -2.15 0.27
N ILE A 386 11.29 -2.93 0.66
CA ILE A 386 10.44 -3.69 -0.25
C ILE A 386 9.47 -2.76 -1.02
N ILE A 387 9.28 -1.53 -0.53
CA ILE A 387 8.47 -0.52 -1.21
C ILE A 387 9.33 0.70 -1.64
N ARG A 388 9.02 1.24 -2.82
CA ARG A 388 9.61 2.48 -3.26
C ARG A 388 9.22 3.65 -2.33
N GLY A 389 10.21 4.17 -1.62
CA GLY A 389 9.98 5.25 -0.64
C GLY A 389 11.22 6.05 -0.34
N LEU A 390 11.02 7.31 -0.02
CA LEU A 390 12.12 8.23 0.25
C LEU A 390 12.77 8.01 1.57
N GLU A 391 14.08 8.19 1.62
CA GLU A 391 14.81 8.15 2.89
C GLU A 391 14.30 9.29 3.75
N SER A 392 14.21 10.48 3.19
CA SER A 392 13.69 11.62 3.93
C SER A 392 13.07 12.58 2.94
N LEU A 393 12.31 13.56 3.42
CA LEU A 393 11.75 14.48 2.51
C LEU A 393 11.81 15.81 3.20
N PRO A 394 12.93 16.54 3.02
CA PRO A 394 13.06 17.80 3.70
C PRO A 394 12.23 18.87 3.00
N ILE A 395 11.29 19.46 3.75
CA ILE A 395 10.42 20.51 3.18
C ILE A 395 10.42 21.82 4.03
N THR A 396 9.93 22.88 3.42
CA THR A 396 9.67 24.13 4.07
C THR A 396 8.47 24.74 3.34
N TRP A 397 7.86 25.77 3.90
CA TRP A 397 6.66 26.35 3.33
C TRP A 397 6.40 27.76 3.84
K K B . 12.27 -3.20 -11.14
K K C . -4.67 -10.24 6.84
CHA HEM D . -3.93 -6.06 -0.54
CHB HEM D . -2.25 -1.93 -2.50
CHC HEM D . -3.17 0.33 1.68
CHD HEM D . -5.07 -3.77 3.56
C1A HEM D . -3.37 -5.11 -1.49
C2A HEM D . -3.04 -5.48 -2.87
C3A HEM D . -2.56 -4.25 -3.44
C4A HEM D . -2.68 -3.32 -2.34
CMA HEM D . -2.05 -4.02 -4.81
CAA HEM D . -3.14 -6.83 -3.63
CBA HEM D . -2.08 -7.77 -3.30
CGA HEM D . -2.22 -9.06 -4.12
O1A HEM D . -3.10 -9.17 -5.01
O2A HEM D . -1.41 -9.98 -3.86
C1B HEM D . -2.24 -0.92 -1.43
C2B HEM D . -1.81 0.43 -1.70
C3B HEM D . -2.12 1.05 -0.45
C4B HEM D . -2.63 0.00 0.38
CMB HEM D . -1.25 1.01 -2.97
CAB HEM D . -1.92 2.43 0.14
CBB HEM D . -1.58 3.41 -0.84
C1C HEM D . -3.84 -0.58 2.59
C2C HEM D . -4.37 -0.09 3.83
C3C HEM D . -4.90 -1.32 4.39
C4C HEM D . -4.68 -2.38 3.41
CMC HEM D . -4.33 1.27 4.43
CAC HEM D . -5.58 -1.34 5.68
CBC HEM D . -6.63 -2.16 5.73
C1D HEM D . -4.79 -4.84 2.60
C2D HEM D . -5.15 -6.22 2.89
C3D HEM D . -4.84 -6.89 1.67
C4D HEM D . -4.34 -5.83 0.81
CMD HEM D . -5.66 -6.79 4.20
CAD HEM D . -5.00 -8.34 1.37
CBD HEM D . -6.41 -8.51 0.84
CGD HEM D . -6.62 -9.96 0.41
O1D HEM D . -7.81 -10.35 0.26
O2D HEM D . -5.63 -10.71 0.20
NA HEM D . -3.22 -3.82 -1.24
NB HEM D . -2.83 -1.14 -0.23
NC HEM D . -4.08 -1.89 2.32
ND HEM D . -4.45 -4.59 1.32
FE HEM D . -3.68 -2.85 0.52
#